data_8OV1
#
_entry.id   8OV1
#
_cell.length_a   167.495
_cell.length_b   167.495
_cell.length_c   51.500
_cell.angle_alpha   90.000
_cell.angle_beta   90.000
_cell.angle_gamma   120.000
#
_symmetry.space_group_name_H-M   'P 31 2 1'
#
loop_
_entity.id
_entity.type
_entity.pdbx_description
1 polymer "2'-O-methyltransferase nsp16"
2 polymer 'Non-structural protein 10'
3 non-polymer 1,2-ETHANEDIOL
4 non-polymer '2-(N-MORPHOLINO)-ETHANESULFONIC ACID'
5 non-polymer "ADENOSINE-5'-DIPHOSPHATE"
6 non-polymer S-ADENOSYLMETHIONINE
7 non-polymer 'ZINC ION'
8 water water
#
loop_
_entity_poly.entity_id
_entity_poly.type
_entity_poly.pdbx_seq_one_letter_code
_entity_poly.pdbx_strand_id
1 'polypeptide(L)'
;SSQAWQPGVAMPNLYKMQRMLLEKCDLQNYGDSATLPKGIMMNVAKYTQLCQYLNTLTLAVPYNMRVIHFGAGSDKGVAP
GTAVLRQWLPTGTLLVDSDLNDFVSDADSTLIGDCATVHTANKWDLIISDMYDPKTKNVTKENDSKEGFFTYICGFIQQK
LALGGSVAIKITEHSWNADLYKLMGHFAWWTAFVTNVNASSSEAFLIGCNYLGKPREQIDGYVMHANYIFWRNTNPIQLS
SYSLFDMSKFPLKLRGTAVMSLKEGQINDMILSLLSKGRLIIRENNRVVISSDVLVNNENLYFQ
;
A
2 'polypeptide(L)'
;GAGNATEVPANSTVLSFCAFAVDAAKAYKDYLASGGQPITNCVKMLCTHTGTGQAITVTPEANMDQESFGGASCCLYCRC
HIDHPNPKGFCDLKGKYVQIPTTCANDPVGFTLKNTVCTVCGMWKGYGCSCDQLREPMLQ
;
B
#
# COMPACT_ATOMS: atom_id res chain seq x y z
N SER A 1 2.43 -8.00 25.35
CA SER A 1 3.54 -8.85 25.74
C SER A 1 4.36 -9.18 24.48
N SER A 2 4.18 -10.45 24.05
CA SER A 2 4.70 -10.96 22.78
C SER A 2 4.08 -10.26 21.58
N GLN A 3 3.10 -9.38 21.81
N GLN A 3 3.10 -9.38 21.82
CA GLN A 3 2.54 -8.61 20.72
CA GLN A 3 2.53 -8.59 20.74
C GLN A 3 3.57 -7.70 20.07
C GLN A 3 3.59 -7.74 20.06
N ALA A 4 4.64 -7.35 20.81
CA ALA A 4 5.65 -6.48 20.24
C ALA A 4 6.43 -7.14 19.12
N TRP A 5 6.43 -8.47 19.02
CA TRP A 5 7.11 -9.14 17.94
C TRP A 5 6.18 -9.47 16.79
N GLN A 6 4.91 -9.11 16.90
CA GLN A 6 3.97 -9.23 15.80
C GLN A 6 4.06 -7.99 14.92
N PRO A 7 3.47 -8.03 13.73
CA PRO A 7 3.43 -6.80 12.90
C PRO A 7 2.46 -5.77 13.46
N GLY A 8 1.53 -6.18 14.30
CA GLY A 8 0.57 -5.27 14.88
C GLY A 8 -0.42 -6.08 15.70
N VAL A 9 -1.55 -5.45 16.00
CA VAL A 9 -2.57 -6.06 16.83
C VAL A 9 -3.93 -5.93 16.18
N ALA A 10 -4.64 -7.05 16.10
CA ALA A 10 -6.00 -7.07 15.57
C ALA A 10 -7.01 -6.98 16.71
N MET A 11 -8.14 -6.30 16.44
CA MET A 11 -9.19 -6.14 17.44
C MET A 11 -9.68 -7.48 17.96
N PRO A 12 -9.57 -7.77 19.26
CA PRO A 12 -10.02 -9.10 19.74
C PRO A 12 -11.53 -9.27 19.55
N ASN A 13 -11.92 -10.52 19.24
CA ASN A 13 -13.32 -10.80 18.89
C ASN A 13 -14.30 -10.34 19.98
N LEU A 14 -13.94 -10.49 21.26
CA LEU A 14 -14.90 -10.13 22.31
C LEU A 14 -15.22 -8.65 22.27
N TYR A 15 -14.25 -7.80 21.84
CA TYR A 15 -14.54 -6.39 21.73
C TYR A 15 -15.55 -6.13 20.62
N LYS A 16 -15.48 -6.90 19.53
CA LYS A 16 -16.43 -6.76 18.44
C LYS A 16 -17.86 -7.05 18.88
N MET A 17 -18.05 -7.83 19.95
CA MET A 17 -19.38 -8.25 20.37
C MET A 17 -20.00 -7.35 21.41
N GLN A 18 -19.36 -6.25 21.77
CA GLN A 18 -19.91 -5.35 22.78
C GLN A 18 -20.96 -4.43 22.17
N ARG A 19 -21.61 -3.64 23.02
N ARG A 19 -21.59 -3.62 23.03
CA ARG A 19 -22.50 -2.57 22.57
CA ARG A 19 -22.50 -2.56 22.60
C ARG A 19 -22.10 -1.30 23.31
C ARG A 19 -22.11 -1.26 23.29
N MET A 20 -20.93 -0.76 22.94
CA MET A 20 -20.41 0.41 23.62
C MET A 20 -20.99 1.69 23.03
N LEU A 21 -20.97 2.75 23.84
CA LEU A 21 -21.24 4.08 23.35
C LEU A 21 -19.96 4.74 22.89
N LEU A 22 -20.06 5.60 21.89
CA LEU A 22 -18.87 6.24 21.34
C LEU A 22 -18.30 7.23 22.34
N GLU A 23 -17.00 7.11 22.61
CA GLU A 23 -16.29 8.06 23.46
C GLU A 23 -15.15 8.69 22.68
N LYS A 24 -14.59 9.75 23.25
CA LYS A 24 -13.34 10.27 22.74
C LYS A 24 -12.23 9.23 22.88
N CYS A 25 -11.34 9.20 21.88
CA CYS A 25 -10.19 8.31 21.90
C CYS A 25 -9.05 9.02 22.62
N ASP A 26 -8.57 8.42 23.71
CA ASP A 26 -7.44 8.95 24.46
C ASP A 26 -6.40 7.85 24.59
N LEU A 27 -5.32 7.93 23.83
CA LEU A 27 -4.33 6.87 23.83
C LEU A 27 -3.21 7.17 24.81
N GLN A 28 -2.90 6.18 25.66
CA GLN A 28 -1.84 6.33 26.66
C GLN A 28 -0.51 6.66 25.98
N ASN A 29 -0.18 5.93 24.92
N ASN A 29 -0.16 5.91 24.94
CA ASN A 29 1.09 6.08 24.22
CA ASN A 29 1.11 6.08 24.26
C ASN A 29 1.03 7.15 23.13
C ASN A 29 1.08 7.17 23.19
N TYR A 30 0.05 8.06 23.20
N TYR A 30 0.00 7.95 23.12
CA TYR A 30 -0.07 9.15 22.23
CA TYR A 30 -0.04 9.09 22.21
C TYR A 30 1.14 10.07 22.34
C TYR A 30 1.25 9.88 22.37
N GLY A 31 1.89 10.20 21.25
CA GLY A 31 3.14 10.94 21.26
C GLY A 31 4.38 10.08 21.42
N ASP A 32 4.25 8.82 21.83
CA ASP A 32 5.34 7.88 21.65
C ASP A 32 5.59 7.73 20.14
N SER A 33 6.81 7.29 19.78
CA SER A 33 7.17 7.07 18.38
C SER A 33 8.11 5.90 18.30
N ALA A 34 7.80 4.92 17.43
CA ALA A 34 8.69 3.80 17.21
C ALA A 34 9.98 4.31 16.56
N THR A 35 11.08 3.66 16.89
N THR A 35 11.10 3.68 16.93
CA THR A 35 12.36 3.97 16.26
CA THR A 35 12.38 3.93 16.27
C THR A 35 12.42 3.14 14.97
C THR A 35 12.39 3.12 14.97
N LEU A 36 12.32 3.80 13.86
CA LEU A 36 12.30 3.09 12.59
C LEU A 36 13.72 2.71 12.20
N PRO A 37 13.90 1.63 11.45
CA PRO A 37 15.23 1.34 10.92
C PRO A 37 15.76 2.51 10.12
N LYS A 38 17.09 2.63 10.09
CA LYS A 38 17.73 3.80 9.50
C LYS A 38 17.22 4.04 8.08
N GLY A 39 16.75 5.26 7.82
CA GLY A 39 16.37 5.65 6.48
C GLY A 39 15.05 5.11 5.97
N ILE A 40 14.28 4.40 6.80
CA ILE A 40 13.01 3.83 6.37
C ILE A 40 11.87 4.80 6.70
N MET A 41 11.01 5.08 5.71
CA MET A 41 9.89 5.98 5.94
C MET A 41 8.79 5.30 6.77
N MET A 42 8.04 6.11 7.55
CA MET A 42 6.90 5.55 8.29
C MET A 42 5.97 4.78 7.37
N ASN A 43 5.65 5.34 6.19
CA ASN A 43 4.67 4.64 5.37
C ASN A 43 5.19 3.34 4.79
N VAL A 44 6.51 3.22 4.54
CA VAL A 44 7.03 1.90 4.18
C VAL A 44 6.88 0.92 5.33
N ALA A 45 7.24 1.36 6.54
CA ALA A 45 7.10 0.49 7.71
C ALA A 45 5.68 0.06 7.93
N LYS A 46 4.74 1.01 7.80
CA LYS A 46 3.33 0.76 8.08
C LYS A 46 2.76 -0.24 7.08
N TYR A 47 3.00 -0.01 5.79
CA TYR A 47 2.50 -0.93 4.79
C TYR A 47 3.18 -2.29 4.91
N THR A 48 4.45 -2.30 5.31
CA THR A 48 5.10 -3.59 5.50
C THR A 48 4.41 -4.39 6.59
N GLN A 49 4.06 -3.75 7.70
CA GLN A 49 3.40 -4.46 8.76
C GLN A 49 1.98 -4.86 8.38
N LEU A 50 1.26 -4.02 7.63
CA LEU A 50 -0.06 -4.40 7.13
C LEU A 50 0.03 -5.67 6.29
N CYS A 51 1.00 -5.69 5.37
CA CYS A 51 1.16 -6.86 4.49
C CYS A 51 1.60 -8.09 5.27
N GLN A 52 2.48 -7.91 6.25
CA GLN A 52 2.84 -9.03 7.12
C GLN A 52 1.63 -9.61 7.82
N TYR A 53 0.70 -8.75 8.23
CA TYR A 53 -0.52 -9.26 8.85
C TYR A 53 -1.42 -9.94 7.83
N LEU A 54 -1.58 -9.33 6.64
CA LEU A 54 -2.43 -9.97 5.63
C LEU A 54 -1.90 -11.35 5.25
N ASN A 55 -0.58 -11.55 5.38
CA ASN A 55 -0.02 -12.88 5.12
C ASN A 55 -0.59 -13.95 6.04
N THR A 56 -1.17 -13.57 7.18
CA THR A 56 -1.68 -14.55 8.13
C THR A 56 -3.14 -14.88 7.87
N LEU A 57 -3.78 -14.26 6.88
CA LEU A 57 -5.18 -14.48 6.62
C LEU A 57 -5.34 -15.39 5.39
N THR A 58 -6.57 -15.66 5.01
CA THR A 58 -6.85 -16.55 3.87
C THR A 58 -7.18 -15.78 2.61
N LEU A 59 -6.28 -14.87 2.22
CA LEU A 59 -6.49 -14.12 1.00
C LEU A 59 -6.43 -15.05 -0.21
N ALA A 60 -7.35 -14.83 -1.14
CA ALA A 60 -7.28 -15.46 -2.46
C ALA A 60 -6.19 -14.80 -3.28
N VAL A 61 -5.34 -15.61 -3.94
CA VAL A 61 -4.21 -15.08 -4.70
C VAL A 61 -4.19 -15.79 -6.06
N PRO A 62 -5.02 -15.36 -6.98
CA PRO A 62 -5.10 -16.01 -8.30
C PRO A 62 -3.94 -15.63 -9.20
N TYR A 63 -3.78 -16.41 -10.28
CA TYR A 63 -3.00 -15.90 -11.39
C TYR A 63 -3.71 -14.68 -11.97
N ASN A 64 -2.94 -13.79 -12.57
CA ASN A 64 -3.49 -12.55 -13.15
C ASN A 64 -4.25 -11.76 -12.09
N MET A 65 -3.66 -11.67 -10.90
CA MET A 65 -4.29 -10.94 -9.81
C MET A 65 -4.32 -9.45 -10.11
N ARG A 66 -5.38 -8.80 -9.60
CA ARG A 66 -5.64 -7.37 -9.83
C ARG A 66 -5.87 -6.68 -8.49
N VAL A 67 -5.10 -5.63 -8.25
CA VAL A 67 -5.13 -4.89 -6.98
C VAL A 67 -5.26 -3.40 -7.28
N ILE A 68 -6.09 -2.70 -6.51
CA ILE A 68 -6.23 -1.26 -6.69
C ILE A 68 -6.00 -0.60 -5.34
N HIS A 69 -5.25 0.50 -5.36
CA HIS A 69 -4.74 1.18 -4.18
C HIS A 69 -5.13 2.65 -4.25
N PHE A 70 -6.06 3.06 -3.38
CA PHE A 70 -6.51 4.44 -3.29
C PHE A 70 -5.77 5.19 -2.18
N GLY A 71 -5.61 6.49 -2.40
CA GLY A 71 -4.86 7.32 -1.46
C GLY A 71 -3.37 7.02 -1.44
N ALA A 72 -2.80 6.73 -2.60
CA ALA A 72 -1.45 6.25 -2.72
C ALA A 72 -0.40 7.33 -2.82
N GLY A 73 -0.81 8.59 -2.96
CA GLY A 73 0.17 9.66 -3.07
C GLY A 73 0.59 10.15 -1.69
N SER A 74 1.58 11.01 -1.68
CA SER A 74 2.09 11.56 -0.44
C SER A 74 2.45 13.02 -0.68
N ASP A 75 2.51 13.78 0.40
CA ASP A 75 3.06 15.13 0.33
C ASP A 75 4.50 15.15 -0.17
N LYS A 76 5.14 13.99 -0.32
CA LYS A 76 6.48 13.92 -0.89
C LYS A 76 6.45 13.76 -2.40
N GLY A 77 5.28 13.46 -2.99
CA GLY A 77 5.19 13.27 -4.41
C GLY A 77 5.60 11.89 -4.90
N VAL A 78 5.79 10.93 -4.00
CA VAL A 78 6.11 9.55 -4.34
C VAL A 78 5.06 8.65 -3.67
N ALA A 79 5.20 7.32 -3.85
CA ALA A 79 4.19 6.36 -3.42
C ALA A 79 4.84 5.20 -2.66
N PRO A 80 5.19 5.42 -1.40
CA PRO A 80 5.86 4.38 -0.61
C PRO A 80 4.99 3.16 -0.42
N GLY A 81 3.70 3.37 -0.14
CA GLY A 81 2.82 2.23 0.03
C GLY A 81 2.68 1.39 -1.22
N THR A 82 2.55 2.03 -2.38
CA THR A 82 2.51 1.28 -3.63
C THR A 82 3.77 0.46 -3.80
N ALA A 83 4.94 1.03 -3.46
CA ALA A 83 6.19 0.29 -3.62
C ALA A 83 6.21 -0.95 -2.73
N VAL A 84 5.66 -0.85 -1.51
CA VAL A 84 5.58 -2.02 -0.64
C VAL A 84 4.59 -3.04 -1.19
N LEU A 85 3.43 -2.59 -1.66
CA LEU A 85 2.46 -3.52 -2.20
C LEU A 85 3.05 -4.29 -3.37
N ARG A 86 3.79 -3.59 -4.22
CA ARG A 86 4.35 -4.26 -5.40
C ARG A 86 5.43 -5.25 -5.00
N GLN A 87 6.16 -4.94 -3.94
CA GLN A 87 7.13 -5.89 -3.39
C GLN A 87 6.43 -7.14 -2.87
N TRP A 88 5.36 -6.95 -2.12
CA TRP A 88 4.61 -8.03 -1.50
C TRP A 88 3.90 -8.92 -2.50
N LEU A 89 3.19 -8.31 -3.45
CA LEU A 89 2.33 -9.05 -4.36
C LEU A 89 3.15 -9.87 -5.34
N PRO A 90 2.62 -10.99 -5.82
CA PRO A 90 3.40 -11.77 -6.79
C PRO A 90 3.81 -10.94 -8.00
N THR A 91 5.00 -11.23 -8.52
CA THR A 91 5.44 -10.56 -9.72
C THR A 91 4.41 -10.76 -10.82
N GLY A 92 4.11 -9.68 -11.52
CA GLY A 92 3.12 -9.69 -12.55
C GLY A 92 1.74 -9.28 -12.11
N THR A 93 1.49 -9.18 -10.80
CA THR A 93 0.19 -8.72 -10.34
C THR A 93 -0.09 -7.33 -10.91
N LEU A 94 -1.29 -7.12 -11.42
CA LEU A 94 -1.66 -5.84 -12.00
C LEU A 94 -2.01 -4.91 -10.85
N LEU A 95 -1.29 -3.80 -10.72
CA LEU A 95 -1.46 -2.87 -9.61
C LEU A 95 -1.80 -1.49 -10.16
N VAL A 96 -2.94 -0.94 -9.73
CA VAL A 96 -3.38 0.40 -10.13
C VAL A 96 -3.44 1.24 -8.87
N ASP A 97 -2.99 2.50 -8.95
CA ASP A 97 -3.12 3.35 -7.75
C ASP A 97 -3.65 4.72 -8.16
N SER A 98 -4.02 5.49 -7.14
CA SER A 98 -4.78 6.71 -7.37
C SER A 98 -4.62 7.63 -6.18
N ASP A 99 -4.75 8.93 -6.43
CA ASP A 99 -4.73 9.94 -5.36
C ASP A 99 -5.29 11.20 -5.96
N LEU A 100 -5.80 12.08 -5.08
CA LEU A 100 -6.21 13.42 -5.50
C LEU A 100 -5.08 14.23 -6.12
N ASN A 101 -3.87 14.09 -5.58
CA ASN A 101 -2.73 14.91 -5.97
C ASN A 101 -1.72 14.11 -6.75
N ASP A 102 -0.99 14.82 -7.61
CA ASP A 102 -0.04 14.15 -8.51
C ASP A 102 1.09 13.51 -7.71
N PHE A 103 1.57 12.37 -8.23
CA PHE A 103 2.68 11.66 -7.61
C PHE A 103 3.24 10.70 -8.65
N VAL A 104 4.49 10.27 -8.39
CA VAL A 104 5.20 9.31 -9.23
C VAL A 104 5.13 7.95 -8.55
N SER A 105 4.84 6.92 -9.33
CA SER A 105 4.47 5.63 -8.78
C SER A 105 5.13 4.49 -9.53
N ASP A 106 5.28 3.36 -8.84
CA ASP A 106 5.67 2.09 -9.44
C ASP A 106 4.50 1.24 -9.90
N ALA A 107 3.25 1.70 -9.73
CA ALA A 107 2.11 0.95 -10.18
C ALA A 107 2.10 0.84 -11.71
N ASP A 108 1.36 -0.16 -12.19
CA ASP A 108 1.21 -0.32 -13.65
C ASP A 108 0.42 0.83 -14.27
N SER A 109 -0.50 1.42 -13.53
N SER A 109 -0.52 1.39 -13.54
CA SER A 109 -1.25 2.57 -14.02
CA SER A 109 -1.18 2.60 -14.01
C SER A 109 -1.66 3.41 -12.83
C SER A 109 -1.57 3.42 -12.80
N THR A 110 -1.61 4.73 -12.99
CA THR A 110 -1.94 5.67 -11.93
C THR A 110 -2.99 6.65 -12.43
N LEU A 111 -4.02 6.89 -11.62
CA LEU A 111 -5.05 7.87 -11.97
C LEU A 111 -5.00 8.98 -10.94
N ILE A 112 -4.94 10.24 -11.40
CA ILE A 112 -4.90 11.40 -10.52
C ILE A 112 -6.25 12.07 -10.58
N GLY A 113 -6.90 12.19 -9.42
CA GLY A 113 -8.18 12.85 -9.30
C GLY A 113 -8.87 12.37 -8.05
N ASP A 114 -10.02 12.97 -7.76
CA ASP A 114 -10.83 12.50 -6.64
C ASP A 114 -11.27 11.06 -6.91
N CYS A 115 -11.28 10.24 -5.85
CA CYS A 115 -11.56 8.83 -6.07
C CYS A 115 -12.92 8.65 -6.71
N ALA A 116 -13.85 9.57 -6.48
CA ALA A 116 -15.19 9.42 -7.06
C ALA A 116 -15.17 9.47 -8.58
N THR A 117 -14.09 9.97 -9.16
CA THR A 117 -13.99 10.03 -10.63
C THR A 117 -13.53 8.72 -11.24
N VAL A 118 -13.09 7.77 -10.41
CA VAL A 118 -12.43 6.55 -10.91
C VAL A 118 -13.48 5.50 -11.24
N HIS A 119 -13.40 4.93 -12.45
CA HIS A 119 -14.27 3.86 -12.88
C HIS A 119 -13.40 2.76 -13.44
N THR A 120 -13.84 1.52 -13.25
CA THR A 120 -13.11 0.39 -13.81
C THR A 120 -14.10 -0.56 -14.45
N ALA A 121 -13.68 -1.13 -15.59
CA ALA A 121 -14.56 -2.09 -16.26
C ALA A 121 -14.57 -3.42 -15.54
N ASN A 122 -13.45 -3.76 -14.93
CA ASN A 122 -13.20 -5.06 -14.33
C ASN A 122 -13.42 -5.03 -12.82
N LYS A 123 -13.50 -6.23 -12.23
CA LYS A 123 -13.50 -6.41 -10.80
C LYS A 123 -12.07 -6.65 -10.30
N TRP A 124 -11.89 -6.52 -8.97
CA TRP A 124 -10.59 -6.52 -8.32
C TRP A 124 -10.54 -7.63 -7.27
N ASP A 125 -9.34 -8.12 -7.04
CA ASP A 125 -9.14 -9.17 -6.04
C ASP A 125 -8.77 -8.62 -4.68
N LEU A 126 -8.29 -7.39 -4.63
CA LEU A 126 -7.87 -6.74 -3.38
C LEU A 126 -8.00 -5.24 -3.59
N ILE A 127 -8.59 -4.55 -2.60
CA ILE A 127 -8.70 -3.09 -2.59
C ILE A 127 -8.01 -2.61 -1.34
N ILE A 128 -7.04 -1.71 -1.50
CA ILE A 128 -6.34 -1.07 -0.38
C ILE A 128 -6.67 0.41 -0.43
N SER A 129 -7.00 1.01 0.72
CA SER A 129 -7.19 2.46 0.76
C SER A 129 -6.42 3.03 1.92
N ASP A 130 -5.65 4.08 1.65
CA ASP A 130 -5.07 4.91 2.71
C ASP A 130 -5.62 6.33 2.66
N MET A 131 -6.75 6.53 1.99
CA MET A 131 -7.32 7.86 1.90
C MET A 131 -7.63 8.40 3.29
N TYR A 132 -7.36 9.70 3.46
CA TYR A 132 -7.48 10.34 4.76
C TYR A 132 -7.48 11.84 4.52
N ASP A 133 -8.30 12.55 5.30
CA ASP A 133 -8.32 14.02 5.29
C ASP A 133 -7.98 14.48 6.71
N PRO A 134 -6.79 15.05 6.96
CA PRO A 134 -6.42 15.41 8.36
C PRO A 134 -7.32 16.45 8.97
N LYS A 135 -8.16 17.10 8.17
CA LYS A 135 -9.14 18.01 8.75
C LYS A 135 -10.10 17.29 9.68
N THR A 136 -10.36 15.99 9.45
CA THR A 136 -11.27 15.27 10.34
C THR A 136 -10.75 15.20 11.78
N LYS A 137 -9.49 15.54 12.04
CA LYS A 137 -8.93 15.49 13.38
C LYS A 137 -9.34 16.70 14.20
N ASN A 138 -10.58 17.10 14.12
CA ASN A 138 -11.09 18.24 14.89
C ASN A 138 -11.76 17.71 16.15
N VAL A 139 -11.07 17.86 17.29
CA VAL A 139 -11.60 17.34 18.55
C VAL A 139 -12.69 18.23 19.13
N THR A 140 -12.93 19.41 18.56
CA THR A 140 -13.95 20.30 19.07
C THR A 140 -15.33 20.01 18.49
N LYS A 141 -15.43 19.08 17.55
CA LYS A 141 -16.68 18.78 16.87
C LYS A 141 -17.12 17.34 17.16
N GLU A 142 -18.43 17.14 17.12
CA GLU A 142 -19.00 15.82 17.30
C GLU A 142 -18.42 14.85 16.27
N ASN A 143 -18.27 13.60 16.67
CA ASN A 143 -17.60 12.59 15.82
C ASN A 143 -18.70 11.76 15.15
N ASP A 144 -19.18 12.23 14.02
CA ASP A 144 -20.24 11.56 13.29
C ASP A 144 -19.64 10.73 12.15
N SER A 145 -20.40 9.73 11.72
CA SER A 145 -20.02 8.94 10.56
C SER A 145 -19.77 9.87 9.38
N LYS A 146 -18.67 9.61 8.65
CA LYS A 146 -18.25 10.46 7.55
C LYS A 146 -18.69 9.86 6.21
N GLU A 147 -18.93 10.73 5.23
N GLU A 147 -18.92 10.74 5.23
CA GLU A 147 -19.34 10.27 3.91
CA GLU A 147 -19.36 10.31 3.92
C GLU A 147 -18.15 10.43 2.96
C GLU A 147 -18.16 10.43 2.97
N GLY A 148 -18.23 11.35 2.01
CA GLY A 148 -17.09 11.59 1.15
C GLY A 148 -16.53 10.34 0.53
N PHE A 149 -15.19 10.16 0.63
CA PHE A 149 -14.59 9.00 -0.04
C PHE A 149 -15.06 7.68 0.55
N PHE A 150 -15.63 7.67 1.76
CA PHE A 150 -16.15 6.41 2.27
C PHE A 150 -17.40 5.98 1.52
N THR A 151 -18.22 6.94 1.08
CA THR A 151 -19.39 6.58 0.29
C THR A 151 -18.94 5.92 -1.00
N TYR A 152 -17.92 6.49 -1.63
CA TYR A 152 -17.36 5.90 -2.84
C TYR A 152 -16.85 4.50 -2.57
N ILE A 153 -16.07 4.33 -1.51
CA ILE A 153 -15.46 3.03 -1.23
C ILE A 153 -16.52 1.96 -1.01
N CYS A 154 -17.58 2.27 -0.24
CA CYS A 154 -18.62 1.27 -0.04
C CYS A 154 -19.23 0.85 -1.37
N GLY A 155 -19.57 1.80 -2.22
CA GLY A 155 -20.15 1.44 -3.49
C GLY A 155 -19.18 0.68 -4.36
N PHE A 156 -17.92 1.07 -4.33
CA PHE A 156 -16.91 0.42 -5.16
C PHE A 156 -16.73 -1.03 -4.74
N ILE A 157 -16.74 -1.29 -3.45
CA ILE A 157 -16.64 -2.67 -2.99
C ILE A 157 -17.82 -3.49 -3.52
N GLN A 158 -19.03 -2.97 -3.35
CA GLN A 158 -20.22 -3.74 -3.70
C GLN A 158 -20.32 -3.95 -5.21
N GLN A 159 -19.83 -3.02 -6.01
CA GLN A 159 -19.93 -3.15 -7.45
C GLN A 159 -18.73 -3.83 -8.09
N LYS A 160 -17.53 -3.68 -7.52
CA LYS A 160 -16.33 -4.06 -8.24
C LYS A 160 -15.35 -4.93 -7.47
N LEU A 161 -15.66 -5.36 -6.24
CA LEU A 161 -14.82 -6.36 -5.58
C LEU A 161 -15.31 -7.76 -5.97
N ALA A 162 -14.41 -8.57 -6.48
CA ALA A 162 -14.73 -9.94 -6.81
C ALA A 162 -15.15 -10.69 -5.56
N LEU A 163 -16.16 -11.56 -5.69
CA LEU A 163 -16.43 -12.48 -4.61
C LEU A 163 -15.15 -13.25 -4.31
N GLY A 164 -14.86 -13.39 -3.02
CA GLY A 164 -13.63 -14.00 -2.58
C GLY A 164 -12.51 -13.01 -2.34
N GLY A 165 -12.63 -11.77 -2.81
CA GLY A 165 -11.57 -10.80 -2.66
C GLY A 165 -11.59 -10.20 -1.26
N SER A 166 -10.63 -9.33 -1.01
CA SER A 166 -10.46 -8.74 0.31
C SER A 166 -10.17 -7.26 0.21
N VAL A 167 -10.29 -6.56 1.34
CA VAL A 167 -10.04 -5.12 1.40
C VAL A 167 -9.27 -4.81 2.67
N ALA A 168 -8.54 -3.69 2.62
CA ALA A 168 -7.93 -3.10 3.83
C ALA A 168 -8.11 -1.59 3.67
N ILE A 169 -8.93 -0.98 4.53
CA ILE A 169 -9.37 0.39 4.34
C ILE A 169 -8.97 1.18 5.59
N LYS A 170 -8.16 2.22 5.43
CA LYS A 170 -7.68 2.96 6.61
C LYS A 170 -8.80 3.78 7.25
N ILE A 171 -8.91 3.68 8.57
CA ILE A 171 -9.80 4.53 9.37
C ILE A 171 -8.99 5.14 10.51
N THR A 172 -9.62 6.08 11.22
CA THR A 172 -9.06 6.67 12.42
C THR A 172 -10.23 6.95 13.37
N GLU A 173 -9.95 7.57 14.50
CA GLU A 173 -11.03 7.94 15.41
C GLU A 173 -12.13 8.71 14.69
N HIS A 174 -11.74 9.73 13.92
CA HIS A 174 -12.68 10.63 13.27
C HIS A 174 -12.90 10.30 11.80
N SER A 175 -12.03 9.52 11.19
CA SER A 175 -12.19 9.15 9.77
C SER A 175 -12.75 7.73 9.69
N TRP A 176 -14.07 7.64 9.63
CA TRP A 176 -14.77 6.36 9.63
C TRP A 176 -16.16 6.56 9.05
N ASN A 177 -16.80 5.43 8.79
CA ASN A 177 -18.10 5.37 8.14
C ASN A 177 -18.86 4.14 8.62
N ALA A 178 -20.11 4.35 9.05
CA ALA A 178 -20.88 3.24 9.61
C ALA A 178 -21.20 2.17 8.57
N ASP A 179 -21.54 2.58 7.35
CA ASP A 179 -21.85 1.60 6.32
C ASP A 179 -20.64 0.73 5.99
N LEU A 180 -19.43 1.27 6.13
CA LEU A 180 -18.25 0.44 5.84
C LEU A 180 -18.10 -0.67 6.87
N TYR A 181 -18.34 -0.36 8.14
CA TYR A 181 -18.37 -1.40 9.14
C TYR A 181 -19.51 -2.39 8.86
N LYS A 182 -20.69 -1.89 8.49
CA LYS A 182 -21.77 -2.80 8.13
C LYS A 182 -21.32 -3.73 7.01
N LEU A 183 -20.58 -3.20 6.05
N LEU A 183 -20.56 -3.20 6.05
CA LEU A 183 -20.12 -4.02 4.92
CA LEU A 183 -20.11 -4.00 4.92
C LEU A 183 -19.11 -5.08 5.35
C LEU A 183 -19.08 -5.06 5.32
N MET A 184 -18.36 -4.84 6.43
CA MET A 184 -17.47 -5.87 6.94
C MET A 184 -18.24 -7.16 7.23
N GLY A 185 -19.54 -7.07 7.53
CA GLY A 185 -20.33 -8.26 7.76
C GLY A 185 -20.72 -9.02 6.51
N HIS A 186 -20.27 -8.55 5.34
CA HIS A 186 -20.48 -9.21 4.06
C HIS A 186 -19.26 -10.00 3.62
N PHE A 187 -18.26 -10.14 4.50
CA PHE A 187 -17.07 -10.94 4.30
C PHE A 187 -17.12 -12.16 5.21
N ALA A 188 -16.34 -13.18 4.85
CA ALA A 188 -16.24 -14.37 5.71
C ALA A 188 -15.65 -14.04 7.08
N TRP A 189 -14.83 -13.01 7.15
CA TRP A 189 -14.22 -12.58 8.40
C TRP A 189 -13.77 -11.13 8.24
N TRP A 190 -13.59 -10.45 9.38
CA TRP A 190 -13.18 -9.06 9.34
C TRP A 190 -12.48 -8.72 10.65
N THR A 191 -11.66 -7.68 10.60
CA THR A 191 -11.08 -7.14 11.81
C THR A 191 -10.68 -5.68 11.60
N ALA A 192 -10.23 -5.07 12.68
CA ALA A 192 -9.57 -3.76 12.65
C ALA A 192 -8.14 -3.99 13.12
N PHE A 193 -7.17 -3.67 12.25
CA PHE A 193 -5.76 -3.99 12.49
C PHE A 193 -4.95 -2.71 12.71
N VAL A 194 -4.19 -2.69 13.81
CA VAL A 194 -3.33 -1.57 14.17
C VAL A 194 -1.87 -1.98 13.96
N THR A 195 -1.13 -1.23 13.14
CA THR A 195 0.29 -1.56 13.00
C THR A 195 1.04 -1.21 14.27
N ASN A 196 2.05 -2.03 14.58
CA ASN A 196 2.85 -1.74 15.77
C ASN A 196 3.69 -0.47 15.61
N VAL A 197 4.08 -0.10 14.39
N VAL A 197 4.06 -0.11 14.39
CA VAL A 197 4.88 1.12 14.23
CA VAL A 197 4.87 1.08 14.18
C VAL A 197 4.06 2.37 14.47
C VAL A 197 4.07 2.36 14.38
N ASN A 198 2.75 2.30 14.25
CA ASN A 198 1.91 3.50 14.37
C ASN A 198 0.87 3.36 15.48
N ALA A 199 1.18 2.54 16.48
CA ALA A 199 0.22 2.22 17.52
C ALA A 199 -0.13 3.40 18.42
N SER A 200 0.59 4.51 18.33
CA SER A 200 0.28 5.71 19.10
C SER A 200 -0.81 6.52 18.43
N SER A 201 -1.30 6.07 17.28
CA SER A 201 -2.36 6.70 16.53
C SER A 201 -3.64 5.89 16.61
N SER A 202 -4.79 6.57 16.47
CA SER A 202 -6.08 5.91 16.43
C SER A 202 -6.32 5.25 15.06
N GLU A 203 -5.38 5.41 14.14
CA GLU A 203 -5.48 4.71 12.86
C GLU A 203 -5.66 3.21 13.07
N ALA A 204 -6.44 2.61 12.17
CA ALA A 204 -6.43 1.16 11.97
C ALA A 204 -6.76 0.91 10.50
N PHE A 205 -6.53 -0.31 10.05
CA PHE A 205 -7.04 -0.79 8.77
C PHE A 205 -8.20 -1.73 9.02
N LEU A 206 -9.38 -1.37 8.50
CA LEU A 206 -10.53 -2.25 8.50
C LEU A 206 -10.34 -3.26 7.39
N ILE A 207 -10.20 -4.53 7.77
CA ILE A 207 -9.89 -5.60 6.83
C ILE A 207 -11.10 -6.50 6.68
N GLY A 208 -11.54 -6.68 5.44
CA GLY A 208 -12.62 -7.61 5.14
C GLY A 208 -11.97 -8.73 4.36
N CYS A 209 -12.08 -9.96 4.87
CA CYS A 209 -11.36 -11.13 4.34
C CYS A 209 -12.38 -12.07 3.68
N ASN A 210 -12.29 -12.19 2.35
CA ASN A 210 -13.07 -13.06 1.48
C ASN A 210 -14.53 -12.61 1.36
N TYR A 211 -14.79 -11.81 0.35
CA TYR A 211 -16.08 -11.16 0.16
C TYR A 211 -17.13 -12.15 -0.33
N LEU A 212 -18.32 -12.09 0.29
CA LEU A 212 -19.42 -12.98 -0.02
C LEU A 212 -20.59 -12.31 -0.73
N GLY A 213 -20.62 -10.98 -0.84
CA GLY A 213 -21.65 -10.29 -1.60
C GLY A 213 -23.01 -10.25 -0.96
N LYS A 214 -23.11 -10.64 0.29
CA LYS A 214 -24.38 -10.70 1.01
C LYS A 214 -24.06 -10.60 2.50
N PRO A 215 -25.03 -10.19 3.31
CA PRO A 215 -24.79 -10.17 4.76
C PRO A 215 -24.58 -11.58 5.31
N ARG A 216 -23.44 -11.79 5.95
CA ARG A 216 -23.23 -12.96 6.78
C ARG A 216 -23.51 -12.65 8.23
N GLU A 217 -23.13 -11.46 8.65
CA GLU A 217 -23.43 -10.92 9.97
C GLU A 217 -24.09 -9.56 9.75
N GLN A 218 -25.05 -9.21 10.60
CA GLN A 218 -25.61 -7.88 10.61
C GLN A 218 -24.83 -7.08 11.63
N ILE A 219 -24.14 -6.04 11.17
CA ILE A 219 -23.32 -5.17 12.00
C ILE A 219 -23.94 -3.79 12.01
N ASP A 220 -24.07 -3.20 13.19
CA ASP A 220 -24.40 -1.78 13.36
C ASP A 220 -23.08 -1.03 13.41
N GLY A 221 -22.79 -0.26 12.36
CA GLY A 221 -21.48 0.36 12.26
C GLY A 221 -21.24 1.48 13.25
N TYR A 222 -22.30 2.16 13.71
CA TYR A 222 -22.12 3.17 14.75
C TYR A 222 -21.64 2.52 16.04
N VAL A 223 -22.27 1.41 16.41
CA VAL A 223 -21.86 0.66 17.60
C VAL A 223 -20.47 0.04 17.40
N MET A 224 -20.20 -0.48 16.19
CA MET A 224 -18.92 -1.14 16.01
C MET A 224 -17.77 -0.15 16.09
N HIS A 225 -17.95 1.08 15.59
CA HIS A 225 -16.86 2.03 15.74
C HIS A 225 -16.67 2.39 17.20
N ALA A 226 -17.76 2.47 17.97
CA ALA A 226 -17.61 2.71 19.40
C ALA A 226 -16.87 1.56 20.07
N ASN A 227 -17.16 0.31 19.64
CA ASN A 227 -16.46 -0.85 20.16
C ASN A 227 -14.96 -0.75 19.85
N TYR A 228 -14.63 -0.32 18.63
CA TYR A 228 -13.24 -0.15 18.23
C TYR A 228 -12.53 0.87 19.11
N ILE A 229 -13.16 2.01 19.35
CA ILE A 229 -12.54 3.04 20.16
C ILE A 229 -12.39 2.55 21.60
N PHE A 230 -13.39 1.85 22.11
CA PHE A 230 -13.29 1.28 23.46
C PHE A 230 -12.08 0.35 23.57
N TRP A 231 -11.91 -0.54 22.58
CA TRP A 231 -10.72 -1.38 22.57
C TRP A 231 -9.45 -0.54 22.63
N ARG A 232 -9.33 0.45 21.73
CA ARG A 232 -8.12 1.26 21.69
C ARG A 232 -7.90 2.00 23.00
N ASN A 233 -8.99 2.48 23.60
CA ASN A 233 -8.90 3.29 24.82
C ASN A 233 -8.42 2.46 26.00
N THR A 234 -8.70 1.16 25.99
CA THR A 234 -8.42 0.34 27.16
C THR A 234 -7.29 -0.64 26.93
N ASN A 235 -6.68 -0.65 25.74
CA ASN A 235 -5.61 -1.61 25.43
C ASN A 235 -4.44 -0.87 24.80
N PRO A 236 -3.58 -0.28 25.61
CA PRO A 236 -2.40 0.38 25.06
C PRO A 236 -1.57 -0.62 24.30
N ILE A 237 -1.07 -0.20 23.15
CA ILE A 237 -0.23 -1.06 22.30
C ILE A 237 1.17 -0.49 22.31
N GLN A 238 2.15 -1.34 22.68
CA GLN A 238 3.54 -0.93 22.72
C GLN A 238 4.04 -0.68 21.31
N LEU A 239 4.55 0.53 21.07
N LEU A 239 4.57 0.53 21.07
CA LEU A 239 5.17 0.82 19.79
CA LEU A 239 5.17 0.83 19.78
C LEU A 239 6.29 -0.17 19.53
C LEU A 239 6.32 -0.13 19.51
N SER A 240 6.35 -0.69 18.30
CA SER A 240 7.36 -1.66 17.97
C SER A 240 7.66 -1.72 16.48
N SER A 241 8.95 -1.77 16.15
N SER A 241 8.96 -1.78 16.15
CA SER A 241 9.43 -1.96 14.78
CA SER A 241 9.42 -1.97 14.79
C SER A 241 10.00 -3.35 14.59
C SER A 241 10.04 -3.35 14.59
N TYR A 242 9.87 -4.23 15.58
N TYR A 242 9.95 -4.25 15.57
CA TYR A 242 10.61 -5.50 15.57
CA TYR A 242 10.66 -5.52 15.51
C TYR A 242 10.37 -6.31 14.29
C TYR A 242 10.39 -6.26 14.20
N SER A 243 9.12 -6.38 13.82
CA SER A 243 8.79 -7.24 12.68
C SER A 243 9.44 -6.76 11.38
N LEU A 244 9.85 -5.50 11.31
CA LEU A 244 10.46 -4.97 10.10
C LEU A 244 11.80 -5.64 9.80
N PHE A 245 12.44 -6.19 10.82
CA PHE A 245 13.77 -6.76 10.65
C PHE A 245 13.78 -8.20 10.17
N ASP A 246 12.62 -8.84 9.98
CA ASP A 246 12.60 -10.18 9.41
C ASP A 246 11.65 -10.23 8.22
N MET A 247 12.23 -10.16 7.04
CA MET A 247 11.50 -10.08 5.80
C MET A 247 11.61 -11.38 5.01
N SER A 248 12.14 -12.45 5.62
CA SER A 248 12.41 -13.66 4.87
C SER A 248 11.13 -14.29 4.33
N LYS A 249 10.02 -14.15 5.05
CA LYS A 249 8.76 -14.74 4.63
C LYS A 249 7.75 -13.70 4.16
N PHE A 250 8.24 -12.54 3.70
CA PHE A 250 7.35 -11.43 3.38
C PHE A 250 6.50 -11.67 2.14
N PRO A 251 7.05 -12.16 1.03
CA PRO A 251 6.27 -12.19 -0.21
C PRO A 251 4.98 -12.99 -0.05
N LEU A 252 3.92 -12.46 -0.62
CA LEU A 252 2.65 -13.17 -0.63
C LEU A 252 2.76 -14.41 -1.52
N LYS A 253 2.36 -15.56 -0.98
CA LYS A 253 2.46 -16.80 -1.75
C LYS A 253 1.51 -16.76 -2.93
N LEU A 254 1.99 -17.14 -4.12
CA LEU A 254 1.12 -17.20 -5.30
C LEU A 254 0.41 -18.54 -5.23
N ARG A 255 -0.82 -18.51 -4.74
CA ARG A 255 -1.58 -19.72 -4.52
C ARG A 255 -2.19 -20.25 -5.80
N GLY A 256 -2.34 -19.41 -6.82
CA GLY A 256 -3.04 -19.83 -8.02
C GLY A 256 -4.49 -20.13 -7.78
N THR A 257 -5.11 -19.38 -6.86
CA THR A 257 -6.52 -19.56 -6.55
C THR A 257 -7.37 -19.53 -7.80
N ALA A 258 -8.33 -20.45 -7.83
CA ALA A 258 -9.19 -20.57 -8.99
C ALA A 258 -10.06 -19.33 -9.19
N VAL A 259 -10.26 -18.96 -10.45
CA VAL A 259 -11.14 -17.87 -10.85
C VAL A 259 -12.22 -18.44 -11.75
N MET A 260 -13.49 -18.20 -11.40
CA MET A 260 -14.60 -18.66 -12.20
C MET A 260 -15.58 -17.54 -12.42
N SER A 261 -16.21 -17.58 -13.57
CA SER A 261 -17.35 -16.73 -13.85
C SER A 261 -18.61 -17.48 -13.45
N LEU A 262 -19.44 -16.87 -12.63
CA LEU A 262 -20.65 -17.50 -12.16
C LEU A 262 -21.75 -16.44 -12.08
N LYS A 263 -22.95 -16.84 -12.46
CA LYS A 263 -24.12 -16.00 -12.27
C LYS A 263 -24.63 -16.16 -10.84
N GLU A 264 -25.35 -15.14 -10.38
CA GLU A 264 -25.87 -15.15 -9.01
C GLU A 264 -26.56 -16.47 -8.69
N GLY A 265 -27.40 -16.96 -9.59
CA GLY A 265 -28.17 -18.16 -9.32
C GLY A 265 -27.33 -19.38 -9.02
N GLN A 266 -26.05 -19.36 -9.40
CA GLN A 266 -25.18 -20.52 -9.24
C GLN A 266 -24.37 -20.50 -7.94
N ILE A 267 -24.47 -19.45 -7.14
CA ILE A 267 -23.67 -19.32 -5.93
C ILE A 267 -24.44 -20.03 -4.82
N ASN A 268 -24.17 -21.32 -4.69
CA ASN A 268 -24.75 -22.19 -3.68
C ASN A 268 -23.87 -22.21 -2.42
N ASP A 269 -24.28 -23.02 -1.44
CA ASP A 269 -23.56 -23.05 -0.17
C ASP A 269 -22.15 -23.64 -0.33
N MET A 270 -21.96 -24.54 -1.29
CA MET A 270 -20.63 -25.08 -1.53
C MET A 270 -19.70 -24.03 -2.14
N ILE A 271 -20.23 -23.19 -3.04
CA ILE A 271 -19.44 -22.09 -3.58
C ILE A 271 -19.11 -21.11 -2.45
N LEU A 272 -20.13 -20.76 -1.66
CA LEU A 272 -19.94 -19.83 -0.56
C LEU A 272 -18.90 -20.36 0.42
N SER A 273 -18.85 -21.68 0.62
CA SER A 273 -17.84 -22.25 1.50
C SER A 273 -16.44 -22.12 0.90
N LEU A 274 -16.32 -22.32 -0.41
CA LEU A 274 -15.02 -22.16 -1.04
C LEU A 274 -14.56 -20.70 -0.98
N LEU A 275 -15.48 -19.78 -1.23
CA LEU A 275 -15.15 -18.35 -1.12
C LEU A 275 -14.66 -18.02 0.27
N SER A 276 -15.33 -18.57 1.28
CA SER A 276 -15.01 -18.26 2.67
C SER A 276 -13.67 -18.80 3.11
N LYS A 277 -13.13 -19.81 2.41
CA LYS A 277 -11.86 -20.40 2.74
C LYS A 277 -10.69 -19.84 1.95
N GLY A 278 -10.92 -18.85 1.09
CA GLY A 278 -9.81 -18.31 0.33
C GLY A 278 -9.44 -19.19 -0.84
N ARG A 279 -10.38 -20.01 -1.31
CA ARG A 279 -10.12 -21.02 -2.35
C ARG A 279 -10.79 -20.69 -3.67
N LEU A 280 -11.44 -19.53 -3.80
CA LEU A 280 -12.15 -19.23 -5.04
C LEU A 280 -12.33 -17.72 -5.19
N ILE A 281 -12.18 -17.26 -6.42
CA ILE A 281 -12.50 -15.90 -6.82
C ILE A 281 -13.54 -15.97 -7.93
N ILE A 282 -14.59 -15.15 -7.83
CA ILE A 282 -15.63 -15.11 -8.88
C ILE A 282 -15.57 -13.75 -9.56
N ARG A 283 -15.18 -13.77 -10.83
CA ARG A 283 -15.14 -12.58 -11.68
C ARG A 283 -14.80 -13.07 -13.09
N GLU A 284 -14.90 -12.15 -14.06
CA GLU A 284 -14.36 -12.42 -15.39
C GLU A 284 -12.83 -12.30 -15.36
N ASN A 285 -12.18 -12.82 -16.41
CA ASN A 285 -10.74 -12.69 -16.58
C ASN A 285 -10.42 -11.91 -17.86
N ASN A 286 -11.19 -10.87 -18.13
CA ASN A 286 -10.97 -10.04 -19.31
C ASN A 286 -9.91 -8.99 -19.02
N ARG A 287 -9.72 -8.07 -19.96
CA ARG A 287 -8.72 -7.02 -19.83
C ARG A 287 -9.10 -6.05 -18.72
N VAL A 288 -8.08 -5.51 -18.07
CA VAL A 288 -8.27 -4.50 -17.03
C VAL A 288 -8.28 -3.14 -17.71
N VAL A 289 -9.38 -2.40 -17.54
CA VAL A 289 -9.56 -1.11 -18.19
C VAL A 289 -10.09 -0.15 -17.13
N ILE A 290 -9.43 1.00 -17.00
CA ILE A 290 -9.76 1.99 -15.97
C ILE A 290 -9.89 3.35 -16.62
N SER A 291 -10.55 4.27 -15.91
CA SER A 291 -10.61 5.65 -16.38
C SER A 291 -10.88 6.59 -15.23
N SER A 292 -10.60 7.87 -15.46
CA SER A 292 -10.92 8.94 -14.51
C SER A 292 -11.75 9.99 -15.23
N ASP A 293 -12.91 10.30 -14.68
CA ASP A 293 -13.78 11.34 -15.19
C ASP A 293 -13.11 12.69 -15.01
N VAL A 294 -13.14 13.52 -16.06
CA VAL A 294 -12.53 14.84 -16.06
C VAL A 294 -13.61 15.88 -16.31
N LEU A 295 -13.73 16.84 -15.39
CA LEU A 295 -14.66 17.94 -15.56
C LEU A 295 -14.03 18.98 -16.47
N VAL A 296 -14.76 19.40 -17.49
CA VAL A 296 -14.24 20.38 -18.43
C VAL A 296 -14.92 21.72 -18.19
N ASN A 297 -14.12 22.76 -18.14
CA ASN A 297 -14.58 24.13 -18.01
C ASN A 297 -13.73 25.03 -18.89
N ASN A 298 -14.36 26.09 -19.41
CA ASN A 298 -13.64 27.14 -20.13
C ASN A 298 -13.90 28.44 -19.37
N GLU A 299 -12.88 28.92 -18.68
CA GLU A 299 -13.00 30.10 -17.83
C GLU A 299 -12.63 31.41 -18.56
N ASN A 300 -12.53 31.37 -19.89
CA ASN A 300 -12.28 32.59 -20.66
C ASN A 300 -13.56 33.38 -20.83
N LEU A 301 -13.45 34.71 -20.79
CA LEU A 301 -14.61 35.58 -20.96
C LEU A 301 -14.25 36.78 -21.84
N ALA B 19 15.59 21.17 -32.44
CA ALA B 19 17.00 21.12 -32.09
C ALA B 19 17.24 21.32 -30.58
N PHE B 20 16.46 22.19 -29.95
CA PHE B 20 16.56 22.41 -28.51
C PHE B 20 15.92 21.28 -27.73
N ALA B 21 16.61 20.83 -26.69
CA ALA B 21 16.07 19.87 -25.73
C ALA B 21 16.67 20.18 -24.37
N VAL B 22 15.84 20.14 -23.34
CA VAL B 22 16.33 20.32 -21.99
C VAL B 22 17.24 19.14 -21.64
N ASP B 23 18.40 19.44 -21.04
CA ASP B 23 19.35 18.41 -20.62
C ASP B 23 19.30 18.31 -19.09
N ALA B 24 18.34 17.53 -18.60
CA ALA B 24 18.14 17.41 -17.17
C ALA B 24 19.31 16.71 -16.49
N ALA B 25 19.89 15.73 -17.17
CA ALA B 25 20.98 14.96 -16.59
C ALA B 25 22.19 15.84 -16.34
N LYS B 26 22.56 16.64 -17.35
CA LYS B 26 23.67 17.57 -17.17
C LYS B 26 23.37 18.57 -16.07
N ALA B 27 22.13 19.07 -16.00
CA ALA B 27 21.78 20.02 -14.97
C ALA B 27 21.95 19.44 -13.57
N TYR B 28 21.57 18.18 -13.40
CA TYR B 28 21.65 17.57 -12.06
C TYR B 28 23.11 17.30 -11.68
N LYS B 29 23.86 16.72 -12.62
CA LYS B 29 25.30 16.52 -12.42
C LYS B 29 25.98 17.83 -12.05
N ASP B 30 25.71 18.90 -12.81
CA ASP B 30 26.33 20.20 -12.51
C ASP B 30 25.88 20.73 -11.16
N TYR B 31 24.60 20.55 -10.83
CA TYR B 31 24.09 20.97 -9.53
C TYR B 31 24.78 20.24 -8.40
N LEU B 32 24.99 18.93 -8.55
CA LEU B 32 25.65 18.16 -7.50
C LEU B 32 27.10 18.62 -7.31
N ALA B 33 27.82 18.77 -8.42
CA ALA B 33 29.20 19.22 -8.34
C ALA B 33 29.31 20.61 -7.76
N SER B 34 28.30 21.45 -7.94
CA SER B 34 28.26 22.75 -7.29
C SER B 34 27.97 22.64 -5.81
N GLY B 35 27.77 21.43 -5.29
CA GLY B 35 27.45 21.26 -3.89
C GLY B 35 25.98 21.23 -3.54
N GLY B 36 25.10 20.96 -4.51
CA GLY B 36 23.68 20.89 -4.20
C GLY B 36 23.30 19.63 -3.46
N GLN B 37 22.26 19.74 -2.64
CA GLN B 37 21.75 18.59 -1.88
C GLN B 37 21.09 17.60 -2.84
N PRO B 38 21.46 16.31 -2.80
CA PRO B 38 20.80 15.33 -3.68
C PRO B 38 19.29 15.28 -3.46
N ILE B 39 18.61 14.82 -4.51
CA ILE B 39 17.18 14.60 -4.44
C ILE B 39 16.87 13.66 -3.29
N THR B 40 15.86 14.01 -2.50
CA THR B 40 15.46 13.26 -1.33
C THR B 40 14.19 12.45 -1.60
N ASN B 41 13.78 11.70 -0.56
CA ASN B 41 12.52 10.96 -0.55
C ASN B 41 12.49 9.85 -1.59
N CYS B 42 13.66 9.35 -1.96
CA CYS B 42 13.69 8.06 -2.64
C CYS B 42 13.20 7.00 -1.66
N VAL B 43 12.43 6.04 -2.16
CA VAL B 43 11.65 5.15 -1.31
C VAL B 43 12.50 3.91 -1.03
N LYS B 44 13.07 3.83 0.16
CA LYS B 44 13.91 2.69 0.54
C LYS B 44 13.03 1.56 1.08
N MET B 45 13.29 0.35 0.63
CA MET B 45 12.48 -0.80 0.98
C MET B 45 13.10 -1.55 2.15
N LEU B 46 12.26 -2.20 2.93
CA LEU B 46 12.74 -3.22 3.87
C LEU B 46 13.00 -4.52 3.11
N CYS B 47 14.11 -5.18 3.41
CA CYS B 47 14.41 -6.42 2.70
C CYS B 47 15.43 -7.19 3.54
N THR B 48 15.75 -8.40 3.09
CA THR B 48 16.66 -9.25 3.88
C THR B 48 18.11 -8.84 3.74
N HIS B 49 18.47 -8.19 2.64
CA HIS B 49 19.86 -7.87 2.30
C HIS B 49 20.69 -9.13 2.12
N THR B 50 20.02 -10.17 1.63
CA THR B 50 20.66 -11.42 1.21
C THR B 50 20.32 -11.74 -0.24
N GLY B 51 20.08 -10.71 -1.04
CA GLY B 51 19.68 -10.88 -2.41
C GLY B 51 20.87 -10.99 -3.36
N THR B 52 20.55 -11.04 -4.64
CA THR B 52 21.57 -11.26 -5.67
C THR B 52 22.51 -10.10 -5.87
N GLY B 53 22.10 -8.89 -5.51
CA GLY B 53 22.91 -7.71 -5.79
C GLY B 53 22.80 -7.15 -7.19
N GLN B 54 21.98 -7.74 -8.05
CA GLN B 54 21.81 -7.18 -9.38
C GLN B 54 21.20 -5.78 -9.29
N ALA B 55 21.39 -5.00 -10.36
CA ALA B 55 21.15 -3.57 -10.30
C ALA B 55 19.66 -3.22 -10.27
N ILE B 56 18.88 -3.80 -11.17
CA ILE B 56 17.47 -3.42 -11.36
C ILE B 56 16.67 -4.71 -11.48
N THR B 57 15.75 -4.94 -10.53
CA THR B 57 15.13 -6.24 -10.39
C THR B 57 13.64 -6.09 -10.13
N VAL B 58 12.90 -7.19 -10.30
CA VAL B 58 11.45 -7.12 -10.18
C VAL B 58 11.01 -7.09 -8.73
N THR B 59 11.88 -7.45 -7.80
CA THR B 59 11.64 -7.39 -6.37
C THR B 59 12.96 -6.99 -5.72
N PRO B 60 12.94 -6.47 -4.49
CA PRO B 60 14.21 -6.05 -3.87
C PRO B 60 15.24 -7.17 -3.82
N GLU B 61 16.47 -6.84 -4.21
CA GLU B 61 17.55 -7.81 -4.26
C GLU B 61 18.85 -7.28 -3.64
N ALA B 62 18.76 -6.31 -2.73
CA ALA B 62 19.97 -5.81 -2.10
C ALA B 62 20.75 -6.93 -1.42
N ASN B 63 22.06 -6.85 -1.50
CA ASN B 63 22.93 -7.66 -0.65
C ASN B 63 23.35 -6.86 0.59
N MET B 64 24.33 -7.38 1.33
CA MET B 64 24.72 -6.78 2.60
C MET B 64 25.26 -5.37 2.44
N ASP B 65 25.70 -5.01 1.25
CA ASP B 65 26.36 -3.73 1.00
C ASP B 65 25.54 -2.82 0.10
N GLN B 66 24.24 -3.11 -0.04
CA GLN B 66 23.36 -2.30 -0.85
C GLN B 66 22.08 -2.00 -0.09
N GLU B 67 21.40 -0.96 -0.54
CA GLU B 67 20.01 -0.69 -0.21
C GLU B 67 19.17 -0.86 -1.46
N SER B 68 17.92 -1.29 -1.26
CA SER B 68 16.97 -1.43 -2.34
C SER B 68 15.95 -0.30 -2.27
N PHE B 69 15.63 0.30 -3.43
CA PHE B 69 14.70 1.40 -3.52
C PHE B 69 13.62 1.13 -4.57
N GLY B 70 12.45 1.71 -4.35
CA GLY B 70 11.46 1.70 -5.42
C GLY B 70 12.00 2.46 -6.61
N GLY B 71 11.84 1.90 -7.81
CA GLY B 71 12.55 2.41 -8.98
C GLY B 71 12.12 3.81 -9.40
N ALA B 72 10.82 4.03 -9.54
CA ALA B 72 10.35 5.35 -9.97
C ALA B 72 10.93 6.45 -9.11
N SER B 73 10.99 6.22 -7.81
CA SER B 73 11.43 7.30 -6.94
C SER B 73 12.91 7.62 -7.10
N CYS B 74 13.67 6.78 -7.81
CA CYS B 74 15.10 6.98 -8.02
C CYS B 74 15.40 7.42 -9.46
N CYS B 75 14.39 7.73 -10.23
CA CYS B 75 14.56 8.08 -11.64
C CYS B 75 14.45 9.59 -11.80
N LEU B 76 15.51 10.20 -12.34
CA LEU B 76 15.51 11.65 -12.51
C LEU B 76 14.30 12.12 -13.31
N TYR B 77 13.99 11.42 -14.40
CA TYR B 77 12.94 11.88 -15.30
C TYR B 77 11.57 11.72 -14.67
N CYS B 78 11.34 10.60 -14.01
CA CYS B 78 10.10 10.43 -13.25
C CYS B 78 9.97 11.52 -12.20
N ARG B 79 11.03 11.76 -11.41
CA ARG B 79 10.93 12.66 -10.28
C ARG B 79 10.79 14.12 -10.71
N CYS B 80 11.40 14.49 -11.84
CA CYS B 80 11.34 15.87 -12.31
C CYS B 80 10.13 16.13 -13.20
N HIS B 81 9.35 15.10 -13.50
CA HIS B 81 8.16 15.23 -14.34
C HIS B 81 8.57 15.65 -15.74
N ILE B 82 9.53 14.94 -16.31
CA ILE B 82 10.02 15.25 -17.64
C ILE B 82 10.09 13.99 -18.48
N ASP B 83 10.12 14.19 -19.79
CA ASP B 83 10.09 13.05 -20.69
C ASP B 83 11.36 12.23 -20.54
N HIS B 84 11.23 10.92 -20.73
CA HIS B 84 12.41 10.08 -20.64
C HIS B 84 13.20 10.17 -21.94
N PRO B 85 14.53 10.15 -21.85
CA PRO B 85 15.43 10.31 -23.02
C PRO B 85 15.51 9.04 -23.85
N ASN B 86 14.37 8.65 -24.40
N ASN B 86 14.41 8.74 -24.54
CA ASN B 86 14.24 7.48 -25.25
CA ASN B 86 14.21 7.47 -25.22
C ASN B 86 13.22 7.81 -26.32
C ASN B 86 13.13 7.69 -26.25
N PRO B 87 13.24 7.11 -27.45
CA PRO B 87 12.23 7.41 -28.48
C PRO B 87 10.83 7.10 -28.00
N LYS B 88 10.66 5.99 -27.29
CA LYS B 88 9.35 5.55 -26.80
C LYS B 88 9.05 6.09 -25.41
N GLY B 89 9.98 6.83 -24.81
CA GLY B 89 9.77 7.38 -23.49
C GLY B 89 9.60 6.35 -22.40
N PHE B 90 10.17 5.15 -22.59
CA PHE B 90 10.10 4.07 -21.62
C PHE B 90 11.04 4.37 -20.45
N CYS B 91 10.70 3.84 -19.26
CA CYS B 91 11.52 4.00 -18.06
C CYS B 91 12.09 2.66 -17.64
N ASP B 92 13.41 2.61 -17.44
CA ASP B 92 14.07 1.39 -17.01
C ASP B 92 13.81 1.05 -15.55
N LEU B 93 13.35 2.02 -14.76
CA LEU B 93 13.29 1.90 -13.30
C LEU B 93 11.88 1.75 -12.75
N LYS B 94 10.92 2.47 -13.32
CA LYS B 94 9.55 2.45 -12.82
C LYS B 94 9.00 1.04 -12.78
N GLY B 95 8.38 0.70 -11.66
CA GLY B 95 7.78 -0.60 -11.48
C GLY B 95 8.74 -1.69 -11.08
N LYS B 96 10.02 -1.36 -10.93
CA LYS B 96 11.07 -2.27 -10.51
C LYS B 96 11.72 -1.73 -9.24
N TYR B 97 12.75 -2.43 -8.77
CA TYR B 97 13.52 -2.02 -7.60
C TYR B 97 14.96 -1.84 -8.05
N VAL B 98 15.61 -0.81 -7.52
CA VAL B 98 17.01 -0.53 -7.84
C VAL B 98 17.86 -0.73 -6.59
N GLN B 99 18.97 -1.44 -6.77
CA GLN B 99 19.93 -1.67 -5.71
C GLN B 99 21.03 -0.63 -5.80
N ILE B 100 21.27 0.07 -4.70
CA ILE B 100 22.24 1.15 -4.63
C ILE B 100 23.29 0.77 -3.60
N PRO B 101 24.58 0.86 -3.91
CA PRO B 101 25.59 0.64 -2.86
C PRO B 101 25.30 1.52 -1.67
N THR B 102 25.47 0.94 -0.48
CA THR B 102 25.18 1.69 0.73
C THR B 102 26.01 2.97 0.78
N THR B 103 27.25 2.93 0.27
CA THR B 103 28.09 4.11 0.28
C THR B 103 27.53 5.25 -0.58
N CYS B 104 26.66 4.93 -1.54
CA CYS B 104 26.08 5.91 -2.45
C CYS B 104 24.60 6.15 -2.22
N ALA B 105 24.03 5.59 -1.15
CA ALA B 105 22.58 5.63 -0.98
C ALA B 105 22.09 6.99 -0.51
N ASN B 106 22.98 7.94 -0.27
CA ASN B 106 22.56 9.31 -0.03
C ASN B 106 22.03 9.99 -1.30
N ASP B 107 22.33 9.45 -2.48
CA ASP B 107 21.95 10.06 -3.75
C ASP B 107 21.61 8.98 -4.77
N PRO B 108 20.49 8.29 -4.58
CA PRO B 108 20.13 7.23 -5.53
C PRO B 108 19.88 7.75 -6.95
N VAL B 109 19.32 8.95 -7.10
CA VAL B 109 19.06 9.45 -8.45
C VAL B 109 20.39 9.72 -9.18
N GLY B 110 21.33 10.38 -8.52
CA GLY B 110 22.64 10.56 -9.10
C GLY B 110 23.31 9.24 -9.43
N PHE B 111 23.20 8.27 -8.53
CA PHE B 111 23.82 6.98 -8.80
C PHE B 111 23.26 6.35 -10.07
N THR B 112 21.92 6.29 -10.19
CA THR B 112 21.35 5.61 -11.35
C THR B 112 21.65 6.38 -12.63
N LEU B 113 21.73 7.70 -12.52
CA LEU B 113 21.99 8.53 -13.69
C LEU B 113 23.42 8.34 -14.18
N LYS B 114 24.39 8.23 -13.26
CA LYS B 114 25.82 8.22 -13.59
C LYS B 114 26.36 6.84 -13.92
N ASN B 115 25.61 5.78 -13.68
CA ASN B 115 26.19 4.45 -13.76
C ASN B 115 25.44 3.61 -14.78
N THR B 116 26.05 2.48 -15.10
CA THR B 116 25.55 1.61 -16.14
C THR B 116 25.50 0.16 -15.67
N VAL B 117 24.43 -0.49 -16.09
CA VAL B 117 24.18 -1.90 -15.80
C VAL B 117 24.85 -2.75 -16.86
N CYS B 118 25.59 -3.77 -16.44
CA CYS B 118 26.15 -4.74 -17.36
C CYS B 118 25.04 -5.54 -18.02
N THR B 119 25.00 -5.52 -19.35
CA THR B 119 23.99 -6.27 -20.11
C THR B 119 24.19 -7.78 -20.01
N VAL B 120 25.32 -8.24 -19.51
CA VAL B 120 25.57 -9.66 -19.41
C VAL B 120 25.16 -10.22 -18.07
N CYS B 121 25.66 -9.63 -16.98
CA CYS B 121 25.47 -10.18 -15.66
C CYS B 121 24.42 -9.44 -14.84
N GLY B 122 23.95 -8.28 -15.29
CA GLY B 122 22.93 -7.53 -14.56
C GLY B 122 23.42 -6.73 -13.38
N MET B 123 24.70 -6.79 -13.07
CA MET B 123 25.29 -6.00 -12.01
C MET B 123 25.66 -4.62 -12.53
N TRP B 124 25.81 -3.68 -11.61
CA TRP B 124 26.29 -2.37 -11.98
C TRP B 124 27.75 -2.47 -12.40
N LYS B 125 28.09 -1.86 -13.53
CA LYS B 125 29.50 -1.74 -13.89
C LYS B 125 30.22 -0.98 -12.79
N GLY B 126 31.28 -1.58 -12.27
CA GLY B 126 32.07 -0.96 -11.24
C GLY B 126 31.56 -1.15 -9.83
N TYR B 127 30.39 -1.75 -9.65
CA TYR B 127 29.80 -1.97 -8.32
C TYR B 127 29.16 -3.35 -8.26
N GLY B 128 29.84 -4.34 -8.82
CA GLY B 128 29.37 -5.71 -8.79
C GLY B 128 29.75 -6.50 -10.02
N CYS B 129 29.85 -5.83 -11.18
CA CYS B 129 30.16 -6.55 -12.40
C CYS B 129 31.61 -7.01 -12.36
N SER B 130 31.82 -8.32 -12.51
CA SER B 130 33.16 -8.91 -12.52
C SER B 130 33.49 -9.50 -13.89
N CYS B 131 32.74 -9.11 -14.91
CA CYS B 131 32.89 -9.68 -16.23
C CYS B 131 34.27 -9.41 -16.82
N ASP B 132 34.87 -8.27 -16.48
CA ASP B 132 36.17 -7.90 -17.01
C ASP B 132 37.33 -8.48 -16.20
N GLN B 133 37.07 -9.50 -15.39
CA GLN B 133 38.11 -10.14 -14.60
C GLN B 133 38.80 -11.23 -15.41
N LEU B 134 39.72 -11.95 -14.75
CA LEU B 134 40.54 -13.00 -15.35
C LEU B 134 41.69 -12.39 -16.15
#